data_5W4R
#
_entry.id   5W4R
#
_cell.length_a   97.361
_cell.length_b   97.361
_cell.length_c   128.218
_cell.angle_alpha   90.000
_cell.angle_beta   90.000
_cell.angle_gamma   120.000
#
_symmetry.space_group_name_H-M   'P 61'
#
loop_
_entity.id
_entity.type
_entity.pdbx_description
1 polymer 'Nuclear receptor ROR-gamma'
2 non-polymer 1-{4-[(R)-(4-chloro-2-methoxy-3-{[4-(1H-pyrazol-1-yl)phenyl]methyl}quinolin-6-yl)(hydroxy)(1-methyl-1H-imidazol-5-yl)methyl]piperidin-1-yl}ethan-1-one
3 water water
#
_entity_poly.entity_id   1
_entity_poly.type   'polypeptide(L)'
_entity_poly.pdbx_seq_one_letter_code
;ASLTEIEHLVQSVCKSYRETCQLRLEDLLRQRSNIFSREEVTGYQRKSMWEMWERCAHHLTEAIQYVVEFAKRLSGFMEL
CQNDQIVLLKAGAMEVVLVRMCRAYNADNRTVFFEGKYGGMELFRALGCSELISSIFDFSHSLSALHFSEDEIALYTALV
LINAHRPGLQEKRKVEQLQYNLELAFHHHLCKTHRQSILAKLPPKGKLRSLCSQHVE
;
_entity_poly.pdbx_strand_id   A,B
#
loop_
_chem_comp.id
_chem_comp.type
_chem_comp.name
_chem_comp.formula
9WD non-polymer 1-{4-[(R)-(4-chloro-2-methoxy-3-{[4-(1H-pyrazol-1-yl)phenyl]methyl}quinolin-6-yl)(hydroxy)(1-methyl-1H-imidazol-5-yl)methyl]piperidin-1-yl}ethan-1-one 'C32 H33 Cl N6 O3'
#
# COMPACT_ATOMS: atom_id res chain seq x y z
N ALA A 1 1.51 9.77 36.13
CA ALA A 1 1.31 10.67 35.01
C ALA A 1 1.03 12.10 35.48
N SER A 2 2.06 12.94 35.44
CA SER A 2 1.92 14.31 35.90
C SER A 2 1.00 15.10 34.99
N LEU A 3 0.43 16.17 35.55
CA LEU A 3 -0.46 17.03 34.78
C LEU A 3 0.24 17.60 33.56
N THR A 4 1.44 18.15 33.76
CA THR A 4 2.18 18.74 32.65
C THR A 4 2.60 17.71 31.62
N GLU A 5 2.60 16.42 31.97
CA GLU A 5 2.94 15.37 31.01
C GLU A 5 1.75 15.02 30.12
N ILE A 6 0.56 14.90 30.71
CA ILE A 6 -0.63 14.63 29.89
C ILE A 6 -0.98 15.84 29.03
N GLU A 7 -0.59 17.03 29.47
CA GLU A 7 -0.81 18.22 28.64
C GLU A 7 0.16 18.25 27.47
N HIS A 8 1.37 17.71 27.65
CA HIS A 8 2.29 17.54 26.53
C HIS A 8 1.82 16.42 25.61
N LEU A 9 1.15 15.41 26.17
CA LEU A 9 0.63 14.33 25.32
C LEU A 9 -0.46 14.84 24.40
N VAL A 10 -1.28 15.78 24.88
CA VAL A 10 -2.30 16.39 24.02
C VAL A 10 -1.63 17.02 22.80
N GLN A 11 -0.64 17.88 23.04
CA GLN A 11 0.07 18.52 21.93
C GLN A 11 0.70 17.49 21.01
N SER A 12 1.45 16.54 21.57
CA SER A 12 2.13 15.52 20.79
C SER A 12 1.19 14.82 19.81
N VAL A 13 -0.02 14.48 20.28
CA VAL A 13 -0.99 13.86 19.39
C VAL A 13 -1.55 14.88 18.40
N CYS A 14 -1.73 16.13 18.84
CA CYS A 14 -2.39 17.12 18.00
C CYS A 14 -1.52 17.57 16.83
N LYS A 15 -0.19 17.53 16.96
CA LYS A 15 0.66 17.85 15.83
C LYS A 15 1.02 16.63 14.99
N SER A 16 1.01 15.44 15.59
CA SER A 16 1.15 14.23 14.79
C SER A 16 0.03 14.11 13.78
N TYR A 17 -1.17 14.57 14.15
CA TYR A 17 -2.31 14.53 13.22
C TYR A 17 -2.20 15.63 12.18
N ARG A 18 -1.93 16.86 12.61
CA ARG A 18 -1.84 17.97 11.68
C ARG A 18 -0.74 17.74 10.64
N GLU A 19 0.27 16.93 10.97
CA GLU A 19 1.29 16.57 10.02
C GLU A 19 0.86 15.44 9.11
N THR A 20 -0.17 14.67 9.49
CA THR A 20 -0.60 13.50 8.75
C THR A 20 -2.11 13.53 8.48
N CYS A 21 -2.70 14.72 8.39
CA CYS A 21 -4.13 14.83 8.14
C CYS A 21 -4.49 14.68 6.66
N GLN A 22 -3.51 14.38 5.80
CA GLN A 22 -3.73 14.14 4.38
C GLN A 22 -4.27 15.38 3.67
N LEU A 23 -5.47 15.82 4.04
CA LEU A 23 -6.07 17.03 3.49
C LEU A 23 -6.29 18.04 4.61
N ARG A 24 -5.97 19.30 4.33
CA ARG A 24 -6.18 20.37 5.30
C ARG A 24 -7.66 20.74 5.35
N LEU A 25 -8.14 21.01 6.56
CA LEU A 25 -9.57 21.24 6.75
C LEU A 25 -10.04 22.48 6.02
N GLU A 26 -9.24 23.54 6.01
CA GLU A 26 -9.64 24.77 5.34
C GLU A 26 -9.77 24.57 3.83
N ASP A 27 -9.01 23.63 3.26
CA ASP A 27 -9.18 23.32 1.85
C ASP A 27 -10.46 22.52 1.61
N LEU A 28 -10.84 21.67 2.57
CA LEU A 28 -12.10 20.93 2.44
C LEU A 28 -13.29 21.85 2.60
N LEU A 29 -13.18 22.85 3.49
CA LEU A 29 -14.28 23.75 3.80
C LEU A 29 -14.53 24.81 2.73
N ARG A 30 -13.53 25.18 1.94
CA ARG A 30 -13.73 26.15 0.87
C ARG A 30 -14.04 25.47 -0.47
N GLN A 31 -14.07 24.14 -0.52
CA GLN A 31 -14.36 23.41 -1.75
C GLN A 31 -15.78 22.88 -1.80
N ARG A 32 -16.56 23.01 -0.71
CA ARG A 32 -17.92 22.52 -0.72
C ARG A 32 -18.87 23.39 -1.53
N SER A 33 -18.49 24.64 -1.79
CA SER A 33 -19.23 25.43 -2.78
C SER A 33 -19.14 24.79 -4.16
N ASN A 34 -18.04 24.09 -4.42
CA ASN A 34 -17.86 23.37 -5.68
C ASN A 34 -18.54 22.01 -5.56
N ILE A 35 -19.42 21.70 -6.51
CA ILE A 35 -20.28 20.52 -6.44
C ILE A 35 -20.31 19.84 -7.81
N PHE A 36 -20.36 18.51 -7.79
CA PHE A 36 -20.49 17.73 -9.02
C PHE A 36 -21.79 18.07 -9.74
N SER A 37 -21.68 18.31 -11.05
CA SER A 37 -22.86 18.52 -11.86
C SER A 37 -23.58 17.20 -12.11
N ARG A 38 -24.81 17.29 -12.61
CA ARG A 38 -25.60 16.09 -12.89
C ARG A 38 -24.95 15.26 -13.98
N GLU A 39 -24.32 15.92 -14.96
CA GLU A 39 -23.63 15.18 -16.02
C GLU A 39 -22.42 14.44 -15.47
N GLU A 40 -21.69 15.06 -14.54
CA GLU A 40 -20.51 14.41 -13.97
C GLU A 40 -20.91 13.22 -13.11
N VAL A 41 -21.95 13.37 -12.29
CA VAL A 41 -22.44 12.26 -11.49
C VAL A 41 -22.84 11.10 -12.39
N THR A 42 -23.48 11.40 -13.52
CA THR A 42 -23.81 10.37 -14.50
C THR A 42 -22.55 9.61 -14.91
N GLY A 43 -21.47 10.33 -15.20
CA GLY A 43 -20.22 9.68 -15.58
C GLY A 43 -19.71 8.70 -14.54
N TYR A 44 -19.96 8.98 -13.26
CA TYR A 44 -19.55 8.05 -12.21
C TYR A 44 -20.50 6.86 -12.10
N GLN A 45 -21.81 7.11 -12.19
CA GLN A 45 -22.77 6.02 -12.10
C GLN A 45 -22.65 5.07 -13.29
N ARG A 46 -22.15 5.55 -14.43
CA ARG A 46 -21.92 4.70 -15.58
C ARG A 46 -20.67 3.85 -15.45
N LYS A 47 -19.72 4.26 -14.62
CA LYS A 47 -18.50 3.47 -14.43
C LYS A 47 -18.84 2.06 -13.98
N SER A 48 -18.01 1.11 -14.39
CA SER A 48 -18.24 -0.28 -14.04
C SER A 48 -18.02 -0.50 -12.54
N MET A 49 -18.44 -1.68 -12.07
CA MET A 49 -18.17 -2.07 -10.69
C MET A 49 -16.67 -2.06 -10.42
N TRP A 50 -15.90 -2.77 -11.25
CA TRP A 50 -14.47 -2.92 -11.04
C TRP A 50 -13.77 -1.56 -10.96
N GLU A 51 -14.05 -0.68 -11.91
CA GLU A 51 -13.36 0.62 -11.93
C GLU A 51 -13.71 1.44 -10.70
N MET A 52 -14.95 1.36 -10.23
CA MET A 52 -15.36 2.17 -9.09
C MET A 52 -14.82 1.61 -7.78
N TRP A 53 -14.88 0.30 -7.59
CA TRP A 53 -14.27 -0.31 -6.40
C TRP A 53 -12.78 -0.04 -6.33
N GLU A 54 -12.11 0.04 -7.49
CA GLU A 54 -10.65 0.17 -7.51
C GLU A 54 -10.20 1.60 -7.25
N ARG A 55 -11.00 2.60 -7.66
CA ARG A 55 -10.69 3.98 -7.28
C ARG A 55 -10.79 4.17 -5.78
N CYS A 56 -11.90 3.73 -5.18
CA CYS A 56 -12.08 3.89 -3.75
C CYS A 56 -11.05 3.08 -2.98
N ALA A 57 -10.69 1.90 -3.50
CA ALA A 57 -9.66 1.10 -2.85
C ALA A 57 -8.31 1.80 -2.87
N HIS A 58 -8.05 2.59 -3.92
CA HIS A 58 -6.79 3.34 -3.99
C HIS A 58 -6.80 4.54 -3.06
N HIS A 59 -7.97 5.13 -2.81
CA HIS A 59 -8.07 6.24 -1.87
C HIS A 59 -8.03 5.75 -0.42
N LEU A 60 -8.54 4.54 -0.16
CA LEU A 60 -8.41 3.96 1.17
C LEU A 60 -6.96 3.61 1.47
N THR A 61 -6.30 2.90 0.55
CA THR A 61 -4.89 2.57 0.71
C THR A 61 -4.06 3.83 0.92
N GLU A 62 -4.35 4.89 0.17
CA GLU A 62 -3.65 6.15 0.36
C GLU A 62 -3.91 6.72 1.75
N ALA A 63 -5.17 6.67 2.20
CA ALA A 63 -5.50 7.23 3.51
C ALA A 63 -4.95 6.39 4.64
N ILE A 64 -4.89 5.07 4.45
CA ILE A 64 -4.37 4.18 5.50
C ILE A 64 -2.88 4.43 5.71
N GLN A 65 -2.15 4.73 4.63
CA GLN A 65 -0.72 5.00 4.79
C GLN A 65 -0.46 6.37 5.41
N TYR A 66 -1.46 7.24 5.43
CA TYR A 66 -1.36 8.45 6.26
C TYR A 66 -1.69 8.15 7.73
N VAL A 67 -2.51 7.12 7.98
CA VAL A 67 -2.80 6.72 9.35
C VAL A 67 -1.60 6.02 9.97
N VAL A 68 -0.87 5.23 9.17
CA VAL A 68 0.32 4.54 9.68
C VAL A 68 1.36 5.55 10.12
N GLU A 69 1.64 6.55 9.27
CA GLU A 69 2.57 7.61 9.64
C GLU A 69 2.02 8.52 10.73
N PHE A 70 0.73 8.39 11.06
CA PHE A 70 0.19 9.08 12.23
C PHE A 70 0.46 8.30 13.51
N ALA A 71 0.45 6.97 13.44
CA ALA A 71 0.75 6.17 14.61
C ALA A 71 2.25 6.17 14.90
N LYS A 72 3.07 6.10 13.87
CA LYS A 72 4.52 6.07 14.06
C LYS A 72 5.08 7.37 14.60
N ARG A 73 4.27 8.43 14.69
CA ARG A 73 4.67 9.67 15.35
C ARG A 73 3.98 9.84 16.70
N LEU A 74 3.13 8.89 17.09
CA LEU A 74 2.58 8.89 18.45
C LEU A 74 3.66 8.46 19.43
N SER A 75 3.90 9.30 20.44
CA SER A 75 4.84 8.93 21.50
C SER A 75 4.27 7.75 22.29
N GLY A 76 4.96 6.62 22.25
CA GLY A 76 4.48 5.43 22.92
C GLY A 76 4.16 4.31 21.96
N PHE A 77 3.58 4.64 20.81
CA PHE A 77 3.27 3.63 19.81
C PHE A 77 4.54 2.99 19.27
N MET A 78 5.60 3.78 19.08
CA MET A 78 6.86 3.25 18.58
C MET A 78 7.52 2.31 19.58
N GLU A 79 7.27 2.51 20.88
CA GLU A 79 7.94 1.69 21.88
C GLU A 79 7.38 0.28 21.95
N LEU A 80 6.12 0.10 21.59
CA LEU A 80 5.51 -1.23 21.63
C LEU A 80 6.20 -2.17 20.64
N CYS A 81 6.11 -3.46 20.93
CA CYS A 81 6.76 -4.46 20.10
C CYS A 81 6.16 -4.47 18.70
N GLN A 82 6.95 -4.94 17.72
CA GLN A 82 6.55 -4.86 16.32
C GLN A 82 5.29 -5.65 16.04
N ASN A 83 5.07 -6.75 16.77
CA ASN A 83 3.86 -7.53 16.56
C ASN A 83 2.62 -6.74 17.00
N ASP A 84 2.69 -6.10 18.17
CA ASP A 84 1.53 -5.38 18.68
C ASP A 84 1.17 -4.19 17.79
N GLN A 85 2.18 -3.55 17.19
CA GLN A 85 1.90 -2.43 16.30
C GLN A 85 1.07 -2.88 15.09
N ILE A 86 1.49 -3.97 14.45
CA ILE A 86 0.76 -4.46 13.28
C ILE A 86 -0.63 -4.92 13.68
N VAL A 87 -0.77 -5.49 14.88
CA VAL A 87 -2.09 -5.93 15.36
C VAL A 87 -3.01 -4.72 15.55
N LEU A 88 -2.49 -3.65 16.15
CA LEU A 88 -3.31 -2.47 16.39
C LEU A 88 -3.66 -1.76 15.09
N LEU A 89 -2.78 -1.78 14.10
CA LEU A 89 -3.07 -1.11 12.84
C LEU A 89 -3.99 -1.94 11.95
N LYS A 90 -3.71 -3.24 11.82
CA LYS A 90 -4.55 -4.11 11.00
C LYS A 90 -5.98 -4.21 11.52
N ALA A 91 -6.24 -3.70 12.73
CA ALA A 91 -7.59 -3.68 13.28
C ALA A 91 -8.17 -2.29 13.44
N GLY A 92 -7.34 -1.25 13.54
CA GLY A 92 -7.85 0.07 13.83
C GLY A 92 -7.61 1.12 12.75
N ALA A 93 -6.76 0.80 11.77
CA ALA A 93 -6.46 1.79 10.73
C ALA A 93 -7.70 2.12 9.92
N MET A 94 -8.51 1.11 9.59
CA MET A 94 -9.70 1.35 8.79
C MET A 94 -10.74 2.18 9.54
N GLU A 95 -10.86 1.95 10.85
CA GLU A 95 -11.82 2.73 11.64
C GLU A 95 -11.40 4.18 11.75
N VAL A 96 -10.10 4.45 11.77
CA VAL A 96 -9.61 5.83 11.85
C VAL A 96 -9.95 6.60 10.58
N VAL A 97 -9.81 5.93 9.43
CA VAL A 97 -10.10 6.60 8.15
C VAL A 97 -11.57 7.02 8.08
N LEU A 98 -12.47 6.18 8.61
CA LEU A 98 -13.88 6.54 8.62
C LEU A 98 -14.14 7.75 9.48
N VAL A 99 -13.49 7.85 10.64
CA VAL A 99 -13.63 9.02 11.49
C VAL A 99 -13.03 10.25 10.80
N ARG A 100 -11.92 10.05 10.07
CA ARG A 100 -11.31 11.16 9.34
C ARG A 100 -12.19 11.63 8.19
N MET A 101 -12.98 10.74 7.60
CA MET A 101 -13.79 11.08 6.44
C MET A 101 -14.92 12.06 6.76
N CYS A 102 -15.21 12.30 8.04
CA CYS A 102 -16.26 13.25 8.40
C CYS A 102 -15.85 14.69 8.13
N ARG A 103 -14.54 14.97 8.05
CA ARG A 103 -14.10 16.31 7.72
C ARG A 103 -14.45 16.68 6.28
N ALA A 104 -14.56 15.68 5.41
CA ALA A 104 -14.94 15.90 4.02
C ALA A 104 -16.44 15.81 3.80
N TYR A 105 -17.23 15.71 4.85
CA TYR A 105 -18.68 15.56 4.75
C TYR A 105 -19.35 16.90 5.01
N ASN A 106 -20.28 17.27 4.13
CA ASN A 106 -21.02 18.52 4.22
C ASN A 106 -22.48 18.18 4.50
N ALA A 107 -22.91 18.42 5.74
CA ALA A 107 -24.28 18.07 6.15
C ALA A 107 -25.33 18.98 5.54
N ASP A 108 -24.94 20.10 4.92
CA ASP A 108 -25.91 20.99 4.29
C ASP A 108 -26.65 20.26 3.18
N ASN A 109 -25.92 19.68 2.25
CA ASN A 109 -26.50 18.99 1.10
C ASN A 109 -26.21 17.50 1.08
N ARG A 110 -25.67 16.96 2.18
CA ARG A 110 -25.40 15.53 2.34
C ARG A 110 -24.48 15.03 1.23
N THR A 111 -23.28 15.63 1.17
CA THR A 111 -22.29 15.29 0.16
C THR A 111 -20.92 15.17 0.80
N VAL A 112 -20.05 14.40 0.16
CA VAL A 112 -18.67 14.23 0.59
C VAL A 112 -17.74 14.64 -0.54
N PHE A 113 -16.53 15.04 -0.17
CA PHE A 113 -15.52 15.43 -1.15
C PHE A 113 -14.89 14.18 -1.77
N PHE A 114 -14.87 14.14 -3.10
CA PHE A 114 -14.40 12.95 -3.80
C PHE A 114 -13.84 13.33 -5.16
N GLU A 115 -12.54 13.10 -5.34
CA GLU A 115 -11.84 13.23 -6.63
C GLU A 115 -12.12 14.58 -7.28
N GLY A 116 -11.99 15.63 -6.48
CA GLY A 116 -12.06 16.98 -6.99
C GLY A 116 -13.23 17.81 -6.49
N LYS A 117 -14.43 17.23 -6.50
CA LYS A 117 -15.65 17.94 -6.16
C LYS A 117 -16.36 17.28 -4.99
N TYR A 118 -17.49 17.87 -4.60
CA TYR A 118 -18.35 17.31 -3.57
C TYR A 118 -19.54 16.62 -4.24
N GLY A 119 -19.88 15.44 -3.76
CA GLY A 119 -20.97 14.68 -4.34
C GLY A 119 -21.68 13.85 -3.29
N GLY A 120 -22.98 13.65 -3.51
CA GLY A 120 -23.77 12.81 -2.63
C GLY A 120 -23.49 11.34 -2.85
N MET A 121 -24.28 10.51 -2.15
CA MET A 121 -24.10 9.07 -2.24
C MET A 121 -24.58 8.48 -3.58
N GLU A 122 -24.94 9.35 -4.53
CA GLU A 122 -25.29 8.89 -5.87
C GLU A 122 -24.06 8.47 -6.66
N LEU A 123 -22.88 9.01 -6.32
CA LEU A 123 -21.67 8.70 -7.07
C LEU A 123 -21.34 7.21 -7.00
N PHE A 124 -21.56 6.59 -5.85
CA PHE A 124 -21.13 5.23 -5.57
C PHE A 124 -22.19 4.20 -5.92
N ARG A 125 -23.14 4.55 -6.78
CA ARG A 125 -24.18 3.60 -7.18
C ARG A 125 -23.58 2.38 -7.86
N ALA A 126 -22.49 2.57 -8.63
CA ALA A 126 -21.89 1.47 -9.36
C ALA A 126 -21.31 0.40 -8.45
N LEU A 127 -21.05 0.71 -7.18
CA LEU A 127 -20.53 -0.28 -6.25
C LEU A 127 -21.55 -1.40 -6.00
N GLY A 128 -22.84 -1.08 -6.07
CA GLY A 128 -23.86 -2.08 -5.88
C GLY A 128 -24.15 -2.41 -4.42
N CYS A 129 -23.71 -1.57 -3.50
CA CYS A 129 -23.97 -1.74 -2.06
C CYS A 129 -24.40 -0.39 -1.50
N SER A 130 -25.67 -0.04 -1.74
CA SER A 130 -26.18 1.24 -1.26
C SER A 130 -26.27 1.28 0.26
N GLU A 131 -26.53 0.14 0.90
CA GLU A 131 -26.70 0.13 2.35
C GLU A 131 -25.40 0.43 3.08
N LEU A 132 -24.28 -0.05 2.54
CA LEU A 132 -22.98 0.25 3.16
C LEU A 132 -22.61 1.70 2.96
N ILE A 133 -22.79 2.22 1.74
CA ILE A 133 -22.53 3.63 1.48
C ILE A 133 -23.49 4.49 2.29
N SER A 134 -24.71 4.02 2.51
CA SER A 134 -25.69 4.78 3.29
C SER A 134 -25.24 4.93 4.75
N SER A 135 -24.85 3.82 5.37
CA SER A 135 -24.47 3.86 6.78
C SER A 135 -23.17 4.64 6.99
N ILE A 136 -22.28 4.64 6.00
CA ILE A 136 -21.08 5.48 6.09
C ILE A 136 -21.49 6.95 6.08
N PHE A 137 -22.50 7.30 5.30
CA PHE A 137 -23.00 8.67 5.29
C PHE A 137 -23.71 9.01 6.61
N ASP A 138 -24.56 8.10 7.11
CA ASP A 138 -25.25 8.35 8.36
C ASP A 138 -24.29 8.42 9.53
N PHE A 139 -23.20 7.64 9.50
CA PHE A 139 -22.18 7.78 10.53
C PHE A 139 -21.43 9.10 10.39
N SER A 140 -21.07 9.48 9.17
CA SER A 140 -20.41 10.75 8.96
C SER A 140 -21.33 11.92 9.31
N HIS A 141 -22.64 11.74 9.13
CA HIS A 141 -23.60 12.77 9.53
C HIS A 141 -23.62 12.95 11.03
N SER A 142 -23.44 11.86 11.78
CA SER A 142 -23.44 11.96 13.24
C SER A 142 -22.22 12.73 13.75
N LEU A 143 -21.04 12.45 13.20
CA LEU A 143 -19.85 13.18 13.62
C LEU A 143 -19.87 14.63 13.17
N SER A 144 -20.55 14.93 12.07
CA SER A 144 -20.61 16.31 11.59
C SER A 144 -21.54 17.16 12.47
N ALA A 145 -22.55 16.53 13.07
CA ALA A 145 -23.46 17.29 13.93
C ALA A 145 -22.75 17.85 15.15
N LEU A 146 -21.70 17.18 15.62
CA LEU A 146 -20.96 17.65 16.78
C LEU A 146 -19.98 18.77 16.44
N HIS A 147 -19.71 18.98 15.15
CA HIS A 147 -18.63 19.87 14.72
C HIS A 147 -17.34 19.54 15.46
N PHE A 148 -16.70 18.44 15.09
CA PHE A 148 -15.50 18.00 15.79
C PHE A 148 -14.28 18.80 15.35
N SER A 149 -13.57 19.36 16.32
CA SER A 149 -12.35 20.10 16.04
C SER A 149 -11.24 19.13 15.63
N GLU A 150 -10.19 19.70 15.01
CA GLU A 150 -9.05 18.88 14.59
C GLU A 150 -8.40 18.20 15.78
N ASP A 151 -8.35 18.89 16.93
CA ASP A 151 -7.75 18.29 18.12
C ASP A 151 -8.62 17.17 18.69
N GLU A 152 -9.94 17.33 18.61
CA GLU A 152 -10.83 16.26 19.06
C GLU A 152 -10.73 15.04 18.17
N ILE A 153 -10.61 15.25 16.86
CA ILE A 153 -10.44 14.14 15.94
C ILE A 153 -9.08 13.46 16.17
N ALA A 154 -8.05 14.26 16.44
CA ALA A 154 -6.72 13.70 16.67
C ALA A 154 -6.71 12.79 17.89
N LEU A 155 -7.25 13.27 19.02
CA LEU A 155 -7.23 12.48 20.24
C LEU A 155 -8.20 11.30 20.14
N TYR A 156 -9.34 11.47 19.47
CA TYR A 156 -10.31 10.39 19.36
C TYR A 156 -9.77 9.25 18.51
N THR A 157 -9.29 9.56 17.31
CA THR A 157 -8.76 8.52 16.43
C THR A 157 -7.56 7.81 17.06
N ALA A 158 -6.81 8.51 17.92
CA ALA A 158 -5.75 7.84 18.66
C ALA A 158 -6.32 6.80 19.62
N LEU A 159 -7.45 7.11 20.26
CA LEU A 159 -8.10 6.15 21.14
C LEU A 159 -8.73 5.01 20.34
N VAL A 160 -9.25 5.33 19.14
CA VAL A 160 -9.70 4.28 18.24
C VAL A 160 -8.56 3.34 17.91
N LEU A 161 -7.35 3.89 17.72
CA LEU A 161 -6.21 3.10 17.30
C LEU A 161 -5.63 2.31 18.48
N ILE A 162 -5.20 3.02 19.52
CA ILE A 162 -4.59 2.39 20.69
C ILE A 162 -5.66 1.83 21.61
N ASN A 163 -6.14 0.62 21.30
CA ASN A 163 -7.13 -0.07 22.13
C ASN A 163 -6.53 -1.40 22.55
N ALA A 164 -6.49 -1.63 23.87
CA ALA A 164 -5.81 -2.79 24.43
C ALA A 164 -6.68 -4.04 24.46
N HIS A 165 -7.83 -4.03 23.79
CA HIS A 165 -8.69 -5.21 23.74
C HIS A 165 -8.65 -5.91 22.38
N ARG A 166 -7.75 -5.50 21.48
CA ARG A 166 -7.59 -6.21 20.21
C ARG A 166 -6.99 -7.59 20.48
N PRO A 167 -7.52 -8.65 19.88
CA PRO A 167 -6.91 -9.97 20.08
C PRO A 167 -5.60 -10.07 19.31
N GLY A 168 -4.65 -10.81 19.89
CA GLY A 168 -3.35 -11.00 19.29
C GLY A 168 -2.23 -10.20 19.93
N LEU A 169 -2.55 -9.31 20.87
CA LEU A 169 -1.52 -8.56 21.58
C LEU A 169 -0.72 -9.49 22.49
N GLN A 170 0.50 -9.07 22.80
CA GLN A 170 1.38 -9.81 23.71
C GLN A 170 1.73 -8.99 24.94
N GLU A 171 2.25 -7.78 24.76
CA GLU A 171 2.49 -6.86 25.88
C GLU A 171 1.22 -6.03 26.09
N LYS A 172 0.19 -6.70 26.61
CA LYS A 172 -1.14 -6.10 26.70
C LYS A 172 -1.13 -4.88 27.61
N ARG A 173 -0.68 -5.04 28.85
CA ARG A 173 -0.81 -3.96 29.82
C ARG A 173 0.08 -2.76 29.49
N LYS A 174 1.11 -2.95 28.67
CA LYS A 174 1.86 -1.79 28.17
C LYS A 174 1.02 -0.98 27.18
N VAL A 175 0.14 -1.66 26.44
CA VAL A 175 -0.82 -0.94 25.60
C VAL A 175 -1.93 -0.36 26.46
N GLU A 176 -2.18 -0.97 27.62
CA GLU A 176 -3.30 -0.54 28.47
C GLU A 176 -3.06 0.85 29.03
N GLN A 177 -1.92 1.07 29.69
CA GLN A 177 -1.65 2.38 30.26
C GLN A 177 -1.30 3.41 29.18
N LEU A 178 -0.78 2.97 28.04
CA LEU A 178 -0.66 3.87 26.90
C LEU A 178 -2.04 4.33 26.44
N GLN A 179 -2.98 3.39 26.34
CA GLN A 179 -4.36 3.74 26.04
C GLN A 179 -4.94 4.65 27.13
N TYR A 180 -4.57 4.41 28.39
CA TYR A 180 -5.15 5.17 29.48
C TYR A 180 -4.70 6.63 29.44
N ASN A 181 -3.41 6.87 29.19
CA ASN A 181 -2.92 8.25 29.13
C ASN A 181 -3.50 9.01 27.94
N LEU A 182 -3.86 8.30 26.87
CA LEU A 182 -4.58 8.95 25.79
C LEU A 182 -6.03 9.24 26.18
N GLU A 183 -6.66 8.32 26.92
CA GLU A 183 -7.94 8.61 27.53
C GLU A 183 -7.81 9.79 28.50
N LEU A 184 -6.71 9.83 29.25
CA LEU A 184 -6.48 10.94 30.16
C LEU A 184 -6.36 12.26 29.40
N ALA A 185 -5.55 12.27 28.33
CA ALA A 185 -5.35 13.49 27.57
C ALA A 185 -6.63 13.92 26.84
N PHE A 186 -7.39 12.95 26.33
CA PHE A 186 -8.65 13.28 25.67
C PHE A 186 -9.63 13.90 26.65
N HIS A 187 -9.88 13.23 27.78
CA HIS A 187 -10.74 13.78 28.81
C HIS A 187 -10.22 15.13 29.30
N HIS A 188 -8.89 15.25 29.45
CA HIS A 188 -8.27 16.51 29.85
C HIS A 188 -8.64 17.64 28.90
N HIS A 189 -8.30 17.49 27.62
CA HIS A 189 -8.47 18.58 26.66
C HIS A 189 -9.93 18.99 26.52
N LEU A 190 -10.85 18.04 26.66
CA LEU A 190 -12.28 18.37 26.55
C LEU A 190 -12.71 19.31 27.67
N CYS A 191 -12.06 19.23 28.84
CA CYS A 191 -12.38 20.14 29.92
C CYS A 191 -11.90 21.56 29.62
N LYS A 192 -10.68 21.69 29.09
CA LYS A 192 -10.12 23.01 28.82
C LYS A 192 -10.92 23.75 27.76
N THR A 193 -11.48 23.04 26.78
CA THR A 193 -12.30 23.64 25.75
C THR A 193 -13.79 23.54 26.05
N HIS A 194 -14.15 23.05 27.23
CA HIS A 194 -15.54 22.93 27.67
C HIS A 194 -16.34 22.11 26.66
N ARG A 195 -15.76 20.99 26.25
CA ARG A 195 -16.33 20.14 25.21
C ARG A 195 -16.61 18.73 25.69
N GLN A 196 -16.85 18.56 26.99
CA GLN A 196 -17.20 17.24 27.51
C GLN A 196 -18.61 16.81 27.16
N SER A 197 -19.36 17.64 26.44
CA SER A 197 -20.72 17.31 26.03
C SER A 197 -20.77 16.35 24.85
N ILE A 198 -19.64 16.08 24.21
CA ILE A 198 -19.62 15.20 23.05
C ILE A 198 -19.44 13.74 23.43
N LEU A 199 -18.99 13.44 24.64
CA LEU A 199 -18.70 12.06 25.02
C LEU A 199 -19.96 11.19 24.98
N ALA A 200 -21.07 11.71 25.49
CA ALA A 200 -22.33 10.97 25.44
C ALA A 200 -22.90 10.91 24.03
N LYS A 201 -22.54 11.86 23.16
CA LYS A 201 -22.99 11.86 21.79
C LYS A 201 -22.04 11.12 20.86
N LEU A 202 -21.07 10.41 21.40
CA LEU A 202 -20.12 9.63 20.62
C LEU A 202 -20.71 8.27 20.27
N PRO A 203 -20.56 7.84 19.02
CA PRO A 203 -21.09 6.54 18.63
C PRO A 203 -20.39 5.43 19.37
N PRO A 204 -21.08 4.32 19.64
CA PRO A 204 -20.40 3.15 20.21
C PRO A 204 -19.49 2.52 19.18
N LYS A 205 -18.35 2.01 19.64
CA LYS A 205 -17.38 1.43 18.72
C LYS A 205 -17.79 0.04 18.25
N GLY A 206 -18.97 -0.42 18.66
CA GLY A 206 -19.56 -1.58 18.01
C GLY A 206 -19.99 -1.27 16.59
N LYS A 207 -20.32 -0.02 16.31
CA LYS A 207 -20.71 0.39 14.96
C LYS A 207 -19.52 0.38 14.00
N LEU A 208 -18.38 0.92 14.43
CA LEU A 208 -17.22 1.01 13.56
C LEU A 208 -16.73 -0.37 13.13
N ARG A 209 -16.64 -1.31 14.06
CA ARG A 209 -16.25 -2.67 13.70
C ARG A 209 -17.27 -3.30 12.76
N SER A 210 -18.56 -2.95 12.95
CA SER A 210 -19.60 -3.51 12.09
C SER A 210 -19.46 -3.02 10.66
N LEU A 211 -19.17 -1.73 10.48
CA LEU A 211 -19.01 -1.18 9.13
C LEU A 211 -17.77 -1.73 8.45
N CYS A 212 -16.67 -1.89 9.19
CA CYS A 212 -15.43 -2.38 8.58
C CYS A 212 -15.56 -3.84 8.15
N SER A 213 -16.37 -4.63 8.87
CA SER A 213 -16.56 -6.03 8.51
C SER A 213 -17.33 -6.22 7.21
N GLN A 214 -17.90 -5.15 6.66
CA GLN A 214 -18.72 -5.24 5.47
C GLN A 214 -18.00 -4.69 4.24
N ALA B 1 -0.30 -34.72 -12.02
CA ALA B 1 -0.22 -33.55 -12.88
C ALA B 1 0.40 -33.93 -14.23
N SER B 2 -0.45 -34.06 -15.25
CA SER B 2 0.01 -34.47 -16.56
C SER B 2 0.84 -33.37 -17.23
N LEU B 3 1.47 -33.73 -18.35
CA LEU B 3 2.27 -32.75 -19.08
C LEU B 3 1.39 -31.73 -19.77
N THR B 4 0.22 -32.15 -20.26
CA THR B 4 -0.72 -31.21 -20.84
C THR B 4 -1.29 -30.25 -19.81
N GLU B 5 -1.25 -30.63 -18.52
CA GLU B 5 -1.76 -29.76 -17.47
C GLU B 5 -0.75 -28.69 -17.10
N ILE B 6 0.55 -29.01 -17.13
CA ILE B 6 1.54 -27.96 -16.97
C ILE B 6 1.69 -27.15 -18.27
N GLU B 7 1.21 -27.68 -19.38
CA GLU B 7 1.02 -26.85 -20.57
C GLU B 7 -0.03 -25.78 -20.31
N HIS B 8 -1.13 -26.16 -19.66
CA HIS B 8 -2.10 -25.17 -19.20
C HIS B 8 -1.45 -24.20 -18.21
N LEU B 9 -0.58 -24.72 -17.34
CA LEU B 9 0.01 -23.89 -16.29
C LEU B 9 0.93 -22.82 -16.88
N VAL B 10 1.70 -23.19 -17.90
CA VAL B 10 2.59 -22.21 -18.55
C VAL B 10 1.77 -21.07 -19.12
N GLN B 11 0.70 -21.39 -19.86
CA GLN B 11 -0.13 -20.37 -20.47
C GLN B 11 -0.82 -19.50 -19.42
N SER B 12 -1.20 -20.09 -18.29
CA SER B 12 -1.88 -19.32 -17.25
C SER B 12 -0.93 -18.33 -16.58
N VAL B 13 0.33 -18.72 -16.38
CA VAL B 13 1.30 -17.82 -15.76
C VAL B 13 1.65 -16.69 -16.71
N CYS B 14 1.82 -16.99 -18.00
CA CYS B 14 2.11 -15.96 -18.99
C CYS B 14 0.93 -15.04 -19.24
N LYS B 15 -0.29 -15.48 -18.89
CA LYS B 15 -1.45 -14.62 -19.03
C LYS B 15 -1.59 -13.70 -17.83
N SER B 16 -1.37 -14.21 -16.62
CA SER B 16 -1.47 -13.38 -15.42
C SER B 16 -0.44 -12.26 -15.46
N TYR B 17 0.79 -12.58 -15.86
CA TYR B 17 1.83 -11.56 -15.97
C TYR B 17 1.47 -10.49 -16.99
N ARG B 18 0.93 -10.92 -18.15
CA ARG B 18 0.54 -9.96 -19.17
C ARG B 18 -0.51 -8.99 -18.66
N GLU B 19 -1.45 -9.48 -17.84
CA GLU B 19 -2.48 -8.63 -17.27
C GLU B 19 -1.97 -7.80 -16.10
N THR B 20 -0.76 -8.07 -15.60
CA THR B 20 -0.25 -7.42 -14.40
C THR B 20 1.19 -6.98 -14.53
N CYS B 21 1.63 -6.63 -15.74
CA CYS B 21 3.02 -6.27 -15.98
C CYS B 21 3.28 -4.76 -15.87
N GLN B 22 2.29 -3.99 -15.42
CA GLN B 22 2.47 -2.57 -15.11
C GLN B 22 2.82 -1.74 -16.35
N LEU B 23 3.97 -2.02 -16.95
CA LEU B 23 4.43 -1.31 -18.14
C LEU B 23 4.65 -2.28 -19.28
N ARG B 24 4.18 -1.91 -20.48
CA ARG B 24 4.34 -2.75 -21.64
C ARG B 24 5.77 -2.68 -22.16
N LEU B 25 6.32 -3.84 -22.53
CA LEU B 25 7.71 -3.91 -22.96
C LEU B 25 7.96 -3.06 -24.19
N GLU B 26 7.02 -3.07 -25.15
CA GLU B 26 7.20 -2.29 -26.37
C GLU B 26 7.20 -0.79 -26.09
N ASP B 27 6.43 -0.35 -25.10
CA ASP B 27 6.47 1.06 -24.72
C ASP B 27 7.79 1.41 -24.07
N LEU B 28 8.36 0.49 -23.29
CA LEU B 28 9.66 0.73 -22.67
C LEU B 28 10.74 0.88 -23.73
N LEU B 29 10.69 0.05 -24.79
CA LEU B 29 11.63 0.19 -25.88
C LEU B 29 11.38 1.47 -26.68
N ARG B 30 10.13 1.94 -26.72
CA ARG B 30 9.83 3.20 -27.41
C ARG B 30 10.27 4.39 -26.57
N GLN B 31 9.96 4.38 -25.27
CA GLN B 31 10.46 5.40 -24.36
C GLN B 31 11.97 5.32 -24.19
N ARG B 32 12.58 4.21 -24.60
CA ARG B 32 14.02 4.01 -24.44
C ARG B 32 14.83 5.13 -25.08
N SER B 33 14.30 5.74 -26.14
CA SER B 33 15.09 6.70 -26.91
C SER B 33 15.20 8.05 -26.19
N ASN B 34 14.19 8.44 -25.43
CA ASN B 34 14.16 9.75 -24.80
C ASN B 34 14.84 9.68 -23.43
N ILE B 35 15.81 10.57 -23.21
CA ILE B 35 16.71 10.50 -22.08
C ILE B 35 16.72 11.85 -21.36
N PHE B 36 16.87 11.81 -20.05
CA PHE B 36 16.98 13.04 -19.25
C PHE B 36 18.14 13.90 -19.71
N SER B 37 17.89 15.20 -19.84
CA SER B 37 18.99 16.14 -20.01
C SER B 37 19.70 16.33 -18.68
N ARG B 38 20.91 16.90 -18.74
CA ARG B 38 21.66 17.13 -17.51
C ARG B 38 20.96 18.14 -16.61
N GLU B 39 20.34 19.15 -17.22
CA GLU B 39 19.53 20.09 -16.44
C GLU B 39 18.42 19.38 -15.69
N GLU B 40 17.90 18.28 -16.24
CA GLU B 40 16.89 17.49 -15.54
C GLU B 40 17.52 16.58 -14.50
N VAL B 41 18.64 15.95 -14.85
CA VAL B 41 19.36 15.11 -13.90
C VAL B 41 19.75 15.91 -12.67
N THR B 42 20.19 17.16 -12.88
CA THR B 42 20.53 18.02 -11.75
C THR B 42 19.30 18.30 -10.89
N GLY B 43 18.13 18.48 -11.53
CA GLY B 43 16.92 18.74 -10.77
C GLY B 43 16.58 17.63 -9.79
N TYR B 44 16.91 16.38 -10.15
CA TYR B 44 16.69 15.27 -9.23
C TYR B 44 17.79 15.20 -8.17
N GLN B 45 19.03 15.54 -8.55
CA GLN B 45 20.14 15.47 -7.60
C GLN B 45 20.05 16.55 -6.53
N ARG B 46 19.24 17.59 -6.74
CA ARG B 46 19.04 18.63 -5.74
C ARG B 46 17.85 18.35 -4.82
N LYS B 47 17.07 17.31 -5.10
CA LYS B 47 15.96 16.97 -4.22
C LYS B 47 16.48 16.46 -2.88
N SER B 48 15.59 16.44 -1.90
CA SER B 48 15.97 16.01 -0.56
C SER B 48 16.19 14.50 -0.51
N MET B 49 16.86 14.06 0.56
CA MET B 49 16.85 12.64 0.91
C MET B 49 15.42 12.15 1.05
N TRP B 50 14.57 12.94 1.72
CA TRP B 50 13.19 12.55 1.97
C TRP B 50 12.36 12.64 0.69
N GLU B 51 12.53 13.72 -0.07
CA GLU B 51 11.76 13.90 -1.30
C GLU B 51 12.00 12.77 -2.29
N MET B 52 13.20 12.18 -2.27
CA MET B 52 13.55 11.17 -3.26
C MET B 52 13.19 9.76 -2.82
N TRP B 53 13.28 9.45 -1.52
CA TRP B 53 12.77 8.17 -1.02
C TRP B 53 11.25 8.17 -0.85
N GLU B 54 10.59 9.31 -1.02
CA GLU B 54 9.13 9.32 -1.03
C GLU B 54 8.59 8.94 -2.40
N ARG B 55 9.30 9.32 -3.46
CA ARG B 55 8.88 8.95 -4.81
C ARG B 55 9.13 7.47 -5.08
N CYS B 56 10.34 7.00 -4.78
CA CYS B 56 10.65 5.58 -5.00
C CYS B 56 9.75 4.67 -4.19
N ALA B 57 9.47 5.04 -2.93
CA ALA B 57 8.56 4.24 -2.12
C ALA B 57 7.16 4.21 -2.72
N HIS B 58 6.73 5.32 -3.33
CA HIS B 58 5.46 5.33 -4.04
C HIS B 58 5.51 4.40 -5.23
N HIS B 59 6.60 4.42 -5.99
CA HIS B 59 6.74 3.53 -7.14
C HIS B 59 6.92 2.08 -6.70
N LEU B 60 7.61 1.85 -5.58
CA LEU B 60 7.80 0.48 -5.11
C LEU B 60 6.51 -0.10 -4.55
N THR B 61 5.71 0.72 -3.88
CA THR B 61 4.41 0.25 -3.40
C THR B 61 3.45 0.06 -4.56
N GLU B 62 3.53 0.92 -5.58
CA GLU B 62 2.70 0.74 -6.77
C GLU B 62 3.12 -0.50 -7.55
N ALA B 63 4.42 -0.76 -7.64
CA ALA B 63 4.90 -1.93 -8.37
C ALA B 63 4.62 -3.22 -7.59
N ILE B 64 4.70 -3.17 -6.27
CA ILE B 64 4.39 -4.34 -5.46
C ILE B 64 2.92 -4.71 -5.61
N GLN B 65 2.04 -3.71 -5.76
CA GLN B 65 0.61 -3.99 -5.93
C GLN B 65 0.35 -4.78 -7.21
N TYR B 66 1.13 -4.54 -8.26
CA TYR B 66 1.00 -5.36 -9.47
C TYR B 66 1.45 -6.79 -9.23
N VAL B 67 2.42 -7.00 -8.33
CA VAL B 67 2.88 -8.34 -8.04
C VAL B 67 1.81 -9.12 -7.29
N VAL B 68 1.05 -8.44 -6.43
CA VAL B 68 -0.02 -9.10 -5.68
C VAL B 68 -1.08 -9.63 -6.64
N GLU B 69 -1.57 -8.77 -7.55
CA GLU B 69 -2.57 -9.19 -8.52
C GLU B 69 -2.03 -10.27 -9.44
N PHE B 70 -0.73 -10.24 -9.72
CA PHE B 70 -0.09 -11.35 -10.44
C PHE B 70 -0.27 -12.66 -9.69
N ALA B 71 0.00 -12.65 -8.39
CA ALA B 71 -0.15 -13.87 -7.59
C ALA B 71 -1.61 -14.28 -7.50
N LYS B 72 -2.50 -13.32 -7.31
CA LYS B 72 -3.92 -13.63 -7.16
C LYS B 72 -4.55 -14.16 -8.45
N ARG B 73 -3.88 -14.02 -9.60
CA ARG B 73 -4.35 -14.63 -10.82
C ARG B 73 -3.74 -16.00 -11.08
N LEU B 74 -2.60 -16.30 -10.47
CA LEU B 74 -2.10 -17.66 -10.43
C LEU B 74 -3.03 -18.54 -9.62
N SER B 75 -3.78 -19.42 -10.28
CA SER B 75 -4.60 -20.39 -9.56
C SER B 75 -3.72 -21.45 -8.95
N GLY B 76 -4.04 -21.86 -7.73
CA GLY B 76 -3.14 -22.65 -6.91
C GLY B 76 -2.60 -21.82 -5.79
N PHE B 77 -2.17 -20.59 -6.11
CA PHE B 77 -1.86 -19.61 -5.08
C PHE B 77 -3.10 -19.23 -4.29
N MET B 78 -4.21 -18.95 -4.99
CA MET B 78 -5.43 -18.51 -4.34
C MET B 78 -6.10 -19.58 -3.49
N GLU B 79 -5.65 -20.84 -3.58
CA GLU B 79 -6.21 -21.90 -2.75
C GLU B 79 -5.25 -22.32 -1.64
N LEU B 80 -4.18 -21.57 -1.42
CA LEU B 80 -3.41 -21.67 -0.20
C LEU B 80 -4.11 -20.93 0.92
N CYS B 81 -3.78 -21.30 2.16
CA CYS B 81 -4.28 -20.53 3.29
C CYS B 81 -3.65 -19.15 3.29
N GLN B 82 -4.38 -18.18 3.87
CA GLN B 82 -3.96 -16.79 3.75
C GLN B 82 -2.70 -16.50 4.56
N ASN B 83 -2.44 -17.27 5.61
CA ASN B 83 -1.19 -17.09 6.35
C ASN B 83 0.01 -17.40 5.46
N ASP B 84 -0.08 -18.45 4.65
CA ASP B 84 1.02 -18.80 3.76
C ASP B 84 1.11 -17.81 2.59
N GLN B 85 -0.04 -17.32 2.12
CA GLN B 85 -0.03 -16.32 1.06
C GLN B 85 0.71 -15.05 1.50
N ILE B 86 0.40 -14.57 2.71
CA ILE B 86 1.09 -13.39 3.22
C ILE B 86 2.58 -13.65 3.33
N VAL B 87 2.95 -14.78 3.94
CA VAL B 87 4.36 -15.10 4.16
C VAL B 87 5.13 -15.10 2.83
N LEU B 88 4.55 -15.72 1.81
CA LEU B 88 5.19 -15.73 0.49
C LEU B 88 5.30 -14.33 -0.08
N LEU B 89 4.29 -13.48 0.16
CA LEU B 89 4.27 -12.16 -0.46
C LEU B 89 5.25 -11.20 0.21
N LYS B 90 5.29 -11.18 1.54
CA LYS B 90 6.23 -10.29 2.24
C LYS B 90 7.67 -10.63 1.90
N ALA B 91 7.96 -11.90 1.60
CA ALA B 91 9.32 -12.31 1.25
C ALA B 91 9.58 -12.26 -0.24
N GLY B 92 8.55 -12.36 -1.08
CA GLY B 92 8.76 -12.49 -2.50
C GLY B 92 8.51 -11.24 -3.32
N ALA B 93 7.49 -10.46 -2.96
CA ALA B 93 7.02 -9.36 -3.79
C ALA B 93 8.15 -8.41 -4.17
N MET B 94 8.94 -7.97 -3.18
CA MET B 94 9.99 -7.01 -3.45
C MET B 94 11.04 -7.56 -4.42
N GLU B 95 11.24 -8.89 -4.42
CA GLU B 95 12.23 -9.48 -5.30
C GLU B 95 11.70 -9.69 -6.71
N VAL B 96 10.41 -9.94 -6.86
CA VAL B 96 9.79 -9.91 -8.18
C VAL B 96 9.97 -8.54 -8.81
N VAL B 97 9.78 -7.48 -8.02
CA VAL B 97 9.92 -6.12 -8.54
C VAL B 97 11.33 -5.89 -9.05
N LEU B 98 12.34 -6.41 -8.33
CA LEU B 98 13.72 -6.23 -8.77
C LEU B 98 13.98 -6.95 -10.08
N VAL B 99 13.34 -8.11 -10.31
CA VAL B 99 13.50 -8.82 -11.57
C VAL B 99 12.73 -8.10 -12.68
N ARG B 100 11.56 -7.56 -12.37
CA ARG B 100 10.78 -6.85 -13.38
C ARG B 100 11.46 -5.57 -13.83
N MET B 101 12.28 -4.96 -12.97
CA MET B 101 12.96 -3.72 -13.34
C MET B 101 14.03 -3.94 -14.41
N CYS B 102 14.42 -5.21 -14.65
CA CYS B 102 15.39 -5.48 -15.70
C CYS B 102 14.86 -5.08 -17.07
N ARG B 103 13.54 -5.09 -17.25
CA ARG B 103 12.96 -4.68 -18.52
C ARG B 103 13.15 -3.19 -18.76
N ALA B 104 13.01 -2.39 -17.72
CA ALA B 104 13.19 -0.94 -17.83
C ALA B 104 14.64 -0.53 -17.96
N TYR B 105 15.56 -1.46 -18.18
CA TYR B 105 16.99 -1.20 -18.16
C TYR B 105 17.56 -1.23 -19.58
N ASN B 106 18.44 -0.28 -19.88
CA ASN B 106 19.08 -0.16 -21.19
C ASN B 106 20.58 -0.34 -21.00
N ALA B 107 21.11 -1.48 -21.46
CA ALA B 107 22.53 -1.77 -21.30
C ALA B 107 23.41 -0.95 -22.24
N ASP B 108 22.83 -0.31 -23.26
CA ASP B 108 23.64 0.49 -24.19
C ASP B 108 24.24 1.70 -23.48
N ASN B 109 23.55 2.25 -22.47
CA ASN B 109 24.06 3.42 -21.77
C ASN B 109 23.82 3.35 -20.26
N ARG B 110 23.55 2.16 -19.73
CA ARG B 110 23.41 1.93 -18.29
C ARG B 110 22.35 2.84 -17.68
N THR B 111 21.25 3.04 -18.40
CA THR B 111 20.14 3.87 -17.94
C THR B 111 18.93 3.02 -17.61
N VAL B 112 17.93 3.65 -17.00
CA VAL B 112 16.73 2.96 -16.57
C VAL B 112 15.56 3.94 -16.65
N PHE B 113 14.37 3.40 -16.94
CA PHE B 113 13.17 4.22 -17.11
C PHE B 113 12.66 4.66 -15.74
N PHE B 114 12.68 5.97 -15.49
CA PHE B 114 12.24 6.53 -14.22
C PHE B 114 11.47 7.82 -14.47
N GLU B 115 10.19 7.81 -14.09
CA GLU B 115 9.34 9.01 -14.03
C GLU B 115 9.38 9.79 -15.35
N GLY B 116 9.18 9.07 -16.46
CA GLY B 116 9.03 9.72 -17.75
C GLY B 116 10.11 9.40 -18.76
N LYS B 117 11.37 9.47 -18.34
CA LYS B 117 12.49 9.28 -19.26
C LYS B 117 13.47 8.25 -18.72
N TYR B 118 14.65 8.18 -19.33
CA TYR B 118 15.72 7.29 -18.91
C TYR B 118 16.84 8.10 -18.27
N GLY B 119 17.44 7.54 -17.23
CA GLY B 119 18.53 8.22 -16.53
C GLY B 119 19.47 7.21 -15.93
N GLY B 120 20.72 7.62 -15.79
CA GLY B 120 21.73 6.77 -15.19
C GLY B 120 21.56 6.68 -13.70
N MET B 121 22.52 6.01 -13.06
CA MET B 121 22.50 5.87 -11.61
C MET B 121 22.84 7.17 -10.90
N GLU B 122 23.36 8.17 -11.62
CA GLU B 122 23.55 9.49 -11.03
C GLU B 122 22.23 10.15 -10.68
N LEU B 123 21.12 9.63 -11.21
CA LEU B 123 19.81 10.22 -10.95
C LEU B 123 19.42 10.08 -9.49
N PHE B 124 19.85 8.99 -8.84
CA PHE B 124 19.46 8.68 -7.47
C PHE B 124 20.52 9.13 -6.47
N ARG B 125 21.22 10.23 -6.75
CA ARG B 125 22.32 10.65 -5.88
C ARG B 125 21.82 11.10 -4.51
N ALA B 126 20.66 11.74 -4.46
CA ALA B 126 20.14 12.30 -3.22
C ALA B 126 19.79 11.23 -2.19
N LEU B 127 19.78 9.95 -2.57
CA LEU B 127 19.44 8.90 -1.61
C LEU B 127 20.59 8.64 -0.64
N GLY B 128 21.83 8.87 -1.05
CA GLY B 128 22.95 8.56 -0.20
C GLY B 128 23.20 7.07 -0.04
N CYS B 129 22.63 6.25 -0.92
CA CYS B 129 22.85 4.81 -0.91
C CYS B 129 23.49 4.41 -2.24
N SER B 130 24.78 4.74 -2.38
CA SER B 130 25.44 4.59 -3.67
C SER B 130 25.72 3.12 -4.00
N GLU B 131 25.88 2.26 -3.00
CA GLU B 131 26.15 0.86 -3.28
C GLU B 131 24.87 0.05 -3.49
N LEU B 132 23.76 0.45 -2.89
CA LEU B 132 22.49 -0.20 -3.17
C LEU B 132 22.04 0.07 -4.61
N ILE B 133 22.12 1.33 -5.04
CA ILE B 133 21.76 1.67 -6.40
C ILE B 133 22.71 1.01 -7.39
N SER B 134 24.00 0.95 -7.04
CA SER B 134 24.97 0.29 -7.91
C SER B 134 24.73 -1.20 -7.98
N SER B 135 24.35 -1.83 -6.86
CA SER B 135 24.04 -3.25 -6.87
C SER B 135 22.82 -3.56 -7.73
N ILE B 136 21.85 -2.64 -7.78
CA ILE B 136 20.65 -2.86 -8.58
C ILE B 136 20.99 -2.76 -10.07
N PHE B 137 21.75 -1.74 -10.45
CA PHE B 137 22.17 -1.60 -11.84
C PHE B 137 23.03 -2.78 -12.28
N ASP B 138 23.95 -3.22 -11.42
CA ASP B 138 24.74 -4.41 -11.73
C ASP B 138 23.83 -5.63 -11.92
N PHE B 139 22.74 -5.70 -11.16
CA PHE B 139 21.86 -6.85 -11.24
C PHE B 139 21.01 -6.81 -12.51
N SER B 140 20.47 -5.65 -12.86
CA SER B 140 19.67 -5.54 -14.08
C SER B 140 20.53 -5.73 -15.32
N HIS B 141 21.79 -5.33 -15.26
CA HIS B 141 22.67 -5.46 -16.43
C HIS B 141 22.94 -6.92 -16.76
N SER B 142 23.00 -7.79 -15.75
CA SER B 142 23.21 -9.22 -15.99
C SER B 142 21.94 -9.89 -16.52
N LEU B 143 20.76 -9.40 -16.11
CA LEU B 143 19.52 -9.99 -16.60
C LEU B 143 19.21 -9.56 -18.03
N SER B 144 19.56 -8.32 -18.39
CA SER B 144 19.36 -7.87 -19.76
C SER B 144 20.32 -8.55 -20.73
N ALA B 145 21.43 -9.09 -20.23
CA ALA B 145 22.35 -9.82 -21.09
C ALA B 145 21.76 -11.15 -21.55
N LEU B 146 20.76 -11.66 -20.85
CA LEU B 146 20.13 -12.93 -21.21
C LEU B 146 18.95 -12.75 -22.15
N HIS B 147 18.51 -11.52 -22.39
CA HIS B 147 17.36 -11.22 -23.25
C HIS B 147 16.13 -12.01 -22.81
N PHE B 148 15.75 -11.79 -21.55
CA PHE B 148 14.56 -12.43 -21.00
C PHE B 148 13.34 -12.11 -21.84
N SER B 149 12.64 -13.16 -22.27
CA SER B 149 11.36 -12.95 -22.94
C SER B 149 10.29 -12.63 -21.90
N GLU B 150 9.19 -12.05 -22.38
CA GLU B 150 8.10 -11.69 -21.48
C GLU B 150 7.48 -12.91 -20.81
N ASP B 151 7.71 -14.11 -21.35
CA ASP B 151 7.23 -15.33 -20.73
C ASP B 151 8.26 -15.98 -19.83
N GLU B 152 9.56 -15.83 -20.16
CA GLU B 152 10.60 -16.29 -19.25
C GLU B 152 10.59 -15.51 -17.95
N ILE B 153 10.32 -14.21 -18.04
CA ILE B 153 10.20 -13.40 -16.83
C ILE B 153 8.97 -13.81 -16.03
N ALA B 154 7.87 -14.12 -16.73
CA ALA B 154 6.64 -14.51 -16.04
C ALA B 154 6.86 -15.77 -15.22
N LEU B 155 7.52 -16.77 -15.80
CA LEU B 155 7.70 -18.04 -15.10
C LEU B 155 8.77 -17.93 -14.02
N TYR B 156 9.82 -17.13 -14.26
CA TYR B 156 10.87 -16.98 -13.26
C TYR B 156 10.35 -16.26 -12.02
N THR B 157 9.55 -15.20 -12.21
CA THR B 157 8.99 -14.51 -11.06
C THR B 157 7.95 -15.36 -10.33
N ALA B 158 7.24 -16.22 -11.05
CA ALA B 158 6.33 -17.16 -10.39
C ALA B 158 7.10 -18.08 -9.46
N LEU B 159 8.30 -18.50 -9.87
CA LEU B 159 9.14 -19.33 -9.00
C LEU B 159 9.70 -18.52 -7.85
N VAL B 160 10.10 -17.27 -8.12
CA VAL B 160 10.60 -16.39 -7.06
C VAL B 160 9.56 -16.25 -5.96
N LEU B 161 8.30 -16.09 -6.34
CA LEU B 161 7.22 -15.95 -5.36
C LEU B 161 6.94 -17.27 -4.66
N ILE B 162 6.77 -18.34 -5.43
CA ILE B 162 6.34 -19.63 -4.90
C ILE B 162 7.61 -20.39 -4.50
N ASN B 163 7.99 -20.25 -3.23
CA ASN B 163 9.13 -20.96 -2.66
C ASN B 163 8.69 -21.59 -1.35
N ALA B 164 8.81 -22.92 -1.26
CA ALA B 164 8.45 -23.61 -0.04
C ALA B 164 9.49 -23.43 1.06
N HIS B 165 10.65 -22.86 0.74
CA HIS B 165 11.70 -22.63 1.71
C HIS B 165 11.50 -21.35 2.52
N ARG B 166 10.29 -20.80 2.53
CA ARG B 166 10.05 -19.55 3.27
C ARG B 166 9.79 -19.86 4.74
N PRO B 167 10.27 -19.03 5.65
CA PRO B 167 9.94 -19.22 7.08
C PRO B 167 8.54 -18.75 7.38
N GLY B 168 7.84 -19.51 8.23
CA GLY B 168 6.50 -19.15 8.62
C GLY B 168 5.39 -19.92 7.92
N LEU B 169 5.70 -20.68 6.87
CA LEU B 169 4.71 -21.55 6.27
C LEU B 169 4.47 -22.76 7.17
N GLN B 170 3.21 -23.19 7.26
CA GLN B 170 2.88 -24.42 7.97
C GLN B 170 2.24 -25.47 7.08
N GLU B 171 1.49 -25.07 6.06
CA GLU B 171 1.09 -25.97 4.99
C GLU B 171 2.17 -25.99 3.90
N LYS B 172 3.38 -26.36 4.34
CA LYS B 172 4.55 -26.23 3.48
C LYS B 172 4.49 -27.18 2.29
N ARG B 173 4.07 -28.43 2.52
CA ARG B 173 3.97 -29.39 1.42
C ARG B 173 2.95 -28.95 0.38
N LYS B 174 1.97 -28.15 0.78
CA LYS B 174 1.04 -27.57 -0.18
C LYS B 174 1.76 -26.61 -1.13
N VAL B 175 2.77 -25.91 -0.62
CA VAL B 175 3.45 -24.90 -1.42
C VAL B 175 4.41 -25.55 -2.40
N GLU B 176 5.23 -26.49 -1.94
CA GLU B 176 6.21 -27.11 -2.83
C GLU B 176 5.54 -27.91 -3.94
N GLN B 177 4.33 -28.43 -3.68
CA GLN B 177 3.56 -29.04 -4.76
C GLN B 177 3.33 -28.04 -5.90
N LEU B 178 2.85 -26.85 -5.56
CA LEU B 178 2.72 -25.79 -6.56
C LEU B 178 4.08 -25.32 -7.06
N GLN B 179 5.11 -25.38 -6.21
CA GLN B 179 6.44 -24.97 -6.64
C GLN B 179 7.04 -25.96 -7.61
N TYR B 180 6.90 -27.27 -7.34
CA TYR B 180 7.48 -28.27 -8.22
C TYR B 180 6.87 -28.20 -9.61
N ASN B 181 5.57 -27.90 -9.70
CA ASN B 181 4.92 -27.83 -10.99
C ASN B 181 5.38 -26.62 -11.79
N LEU B 182 5.64 -25.50 -11.10
CA LEU B 182 6.17 -24.32 -11.80
C LEU B 182 7.61 -24.54 -12.25
N GLU B 183 8.37 -25.38 -11.55
CA GLU B 183 9.70 -25.71 -12.00
C GLU B 183 9.67 -26.48 -13.31
N LEU B 184 8.82 -27.52 -13.38
CA LEU B 184 8.69 -28.28 -14.60
C LEU B 184 8.12 -27.43 -15.73
N ALA B 185 7.16 -26.55 -15.39
CA ALA B 185 6.62 -25.64 -16.39
C ALA B 185 7.71 -24.74 -16.96
N PHE B 186 8.65 -24.32 -16.11
CA PHE B 186 9.75 -23.48 -16.56
C PHE B 186 10.69 -24.26 -17.49
N HIS B 187 11.08 -25.47 -17.08
CA HIS B 187 11.94 -26.29 -17.92
C HIS B 187 11.24 -26.68 -19.23
N HIS B 188 9.99 -27.13 -19.13
CA HIS B 188 9.26 -27.56 -20.31
C HIS B 188 9.09 -26.44 -21.32
N HIS B 189 9.03 -25.19 -20.86
CA HIS B 189 8.90 -24.06 -21.79
C HIS B 189 10.26 -23.68 -22.38
N LEU B 190 11.33 -23.76 -21.60
CA LEU B 190 12.66 -23.48 -22.13
C LEU B 190 13.06 -24.50 -23.19
N CYS B 191 12.51 -25.72 -23.11
CA CYS B 191 12.77 -26.70 -24.16
C CYS B 191 12.03 -26.35 -25.44
N LYS B 192 10.76 -25.93 -25.33
CA LYS B 192 9.96 -25.64 -26.51
C LYS B 192 10.56 -24.48 -27.31
N THR B 193 11.12 -23.49 -26.62
CA THR B 193 11.72 -22.33 -27.27
C THR B 193 13.23 -22.42 -27.35
N HIS B 194 13.80 -23.60 -27.09
CA HIS B 194 15.23 -23.85 -27.23
C HIS B 194 16.06 -22.84 -26.44
N ARG B 195 15.74 -22.71 -25.16
CA ARG B 195 16.32 -21.68 -24.31
C ARG B 195 16.79 -22.23 -22.97
N GLN B 196 17.14 -23.52 -22.91
CA GLN B 196 17.65 -24.07 -21.66
C GLN B 196 19.03 -23.53 -21.32
N SER B 197 19.68 -22.83 -22.23
CA SER B 197 21.01 -22.28 -21.95
C SER B 197 20.97 -21.18 -20.91
N ILE B 198 19.79 -20.65 -20.60
CA ILE B 198 19.68 -19.58 -19.61
C ILE B 198 19.54 -20.11 -18.19
N LEU B 199 19.34 -21.42 -18.01
CA LEU B 199 19.30 -21.97 -16.66
C LEU B 199 20.63 -21.76 -15.93
N ALA B 200 21.75 -21.88 -16.65
CA ALA B 200 23.05 -21.71 -16.00
C ALA B 200 23.32 -20.25 -15.70
N LYS B 201 22.93 -19.35 -16.60
CA LYS B 201 23.23 -17.93 -16.48
C LYS B 201 22.26 -17.19 -15.57
N LEU B 202 21.41 -17.90 -14.84
CA LEU B 202 20.53 -17.25 -13.88
C LEU B 202 21.32 -16.85 -12.64
N PRO B 203 20.85 -15.84 -11.91
CA PRO B 203 21.51 -15.47 -10.66
C PRO B 203 21.51 -16.63 -9.70
N PRO B 204 22.54 -16.76 -8.86
CA PRO B 204 22.47 -17.71 -7.75
C PRO B 204 21.28 -17.38 -6.87
N LYS B 205 20.85 -18.34 -6.06
CA LYS B 205 19.74 -18.05 -5.17
C LYS B 205 20.28 -17.85 -3.76
N GLY B 206 19.72 -16.83 -3.09
CA GLY B 206 20.46 -16.08 -2.10
C GLY B 206 21.06 -14.81 -2.66
N LYS B 207 20.83 -14.53 -3.94
CA LYS B 207 21.31 -13.31 -4.57
C LYS B 207 20.23 -12.23 -4.57
N LEU B 208 18.97 -12.61 -4.75
CA LEU B 208 17.87 -11.67 -4.58
C LEU B 208 17.65 -11.34 -3.11
N ARG B 209 17.83 -12.32 -2.23
CA ARG B 209 17.70 -12.07 -0.80
C ARG B 209 18.81 -11.15 -0.30
N SER B 210 20.02 -11.33 -0.84
CA SER B 210 21.08 -10.37 -0.57
C SER B 210 20.83 -9.02 -1.23
N LEU B 211 19.82 -8.93 -2.10
CA LEU B 211 19.37 -7.66 -2.66
C LEU B 211 18.11 -7.14 -1.98
N CYS B 212 17.67 -7.79 -0.90
CA CYS B 212 16.55 -7.30 -0.11
C CYS B 212 16.84 -7.23 1.38
N SER B 213 17.94 -7.81 1.86
CA SER B 213 18.46 -7.43 3.16
C SER B 213 18.98 -6.00 3.15
N GLN B 214 19.28 -5.45 1.96
CA GLN B 214 19.70 -4.06 1.80
C GLN B 214 18.50 -3.13 1.93
N HIS B 215 17.77 -3.24 3.05
CA HIS B 215 16.50 -2.54 3.14
C HIS B 215 16.08 -2.34 4.60
N VAL B 216 16.83 -1.51 5.32
CA VAL B 216 16.42 -1.00 6.62
C VAL B 216 15.93 0.43 6.38
N GLU B 217 14.66 0.69 6.71
CA GLU B 217 13.94 1.88 6.25
C GLU B 217 13.97 1.95 4.72
C10 9WD C . -15.73 6.58 -0.20
C11 9WD C . -15.88 5.19 -0.81
C12 9WD C . -15.81 4.07 0.21
C13 9WD C . -15.42 4.32 1.54
C14 9WD C . -15.35 3.27 2.48
C15 9WD C . -15.68 1.94 2.09
C16 9WD C . -16.08 1.70 0.75
C19 9WD C . -15.68 -1.15 3.97
C20 9WD C . -15.40 -0.11 4.90
C21 9WD C . -11.95 11.53 0.87
C22 9WD C . -11.23 11.45 2.21
C24 9WD C . -10.15 10.72 3.97
C27 9WD C . -9.61 11.85 -0.20
C30 9WD C . -11.61 11.52 -1.76
C31 9WD C . -8.95 12.97 -3.47
C01 9WD C . -19.10 7.00 1.27
O01 9WD C . -18.01 6.46 0.53
C02 9WD C . -16.83 7.16 0.46
N01 9WD C . -16.76 8.39 1.03
C03 9WD C . -15.62 9.10 0.97
C04 9WD C . -15.55 10.38 1.56
C05 9WD C . -14.37 11.14 1.52
C06 9WD C . -13.21 10.65 0.89
C07 9WD C . -13.28 9.37 0.29
C08 9WD C . -14.46 8.58 0.33
C09 9WD C . -14.52 7.30 -0.26
CL 9WD C . -13.14 6.63 -1.07
C17 9WD C . -16.13 2.75 -0.18
N02 9WD C . -15.63 0.87 3.02
C18 9WD C . -15.81 -0.48 2.78
N03 9WD C . -15.38 1.09 4.34
O02 9WD C . -12.31 12.88 0.64
C23 9WD C . -11.00 12.47 3.11
N04 9WD C . -10.32 12.01 4.23
N05 9WD C . -10.65 10.30 2.79
C25 9WD C . -10.57 8.93 2.33
C26 9WD C . -11.01 11.20 -0.36
C28 9WD C . -8.71 11.56 -1.42
N 9WD C . -9.38 12.00 -2.64
C29 9WD C . -10.60 11.22 -2.89
C 9WD C . -7.66 13.73 -3.13
O 9WD C . -9.55 13.31 -4.49
C10 9WD D . 14.51 2.63 -8.38
C11 9WD D . 14.76 3.16 -6.97
C12 9WD D . 14.92 2.01 -5.98
C13 9WD D . 14.38 0.74 -6.28
C14 9WD D . 14.53 -0.33 -5.38
C15 9WD D . 15.22 -0.14 -4.15
C16 9WD D . 15.76 1.13 -3.86
C19 9WD D . 15.59 -2.43 -1.38
C20 9WD D . 15.60 -3.23 -2.56
C21 9WD D . 10.36 1.48 -13.03
C22 9WD D . 9.81 0.06 -13.01
C24 9WD D . 8.99 -1.87 -12.36
C27 9WD D . 7.89 2.30 -12.99
C30 9WD D . 9.74 4.04 -12.86
C31 9WD D . 6.75 5.53 -13.82
C01 9WD D . 17.98 1.88 -9.37
O01 9WD D . 16.85 2.14 -8.54
C02 9WD D . 15.60 2.13 -9.12
N01 9WD D . 15.45 1.63 -10.37
C03 9WD D . 14.24 1.62 -10.95
C04 9WD D . 14.10 1.12 -12.25
C05 9WD D . 12.85 1.07 -12.90
C06 9WD D . 11.70 1.54 -12.26
C07 9WD D . 11.82 2.06 -10.94
C08 9WD D . 13.08 2.11 -10.28
C09 9WD D . 13.22 2.61 -8.97
CL 9WD D . 11.85 3.22 -8.10
C17 9WD D . 15.61 2.20 -4.77
N02 9WD D . 15.38 -1.22 -3.23
C18 9WD D . 15.45 -1.16 -1.85
N03 9WD D . 15.47 -2.50 -3.66
O02 9WD D . 10.57 1.85 -14.38
C23 9WD D . 9.58 -0.77 -14.09
N04 9WD D . 9.06 -2.00 -13.67
N05 9WD D . 9.41 -0.68 -11.89
C25 9WD D . 9.40 -0.33 -10.47
C26 9WD D . 9.34 2.56 -12.53
C28 9WD D . 6.91 3.40 -12.53
N 9WD D . 7.40 4.70 -12.98
C29 9WD D . 8.69 5.03 -12.36
C 9WD D . 5.41 5.11 -14.41
O 9WD D . 7.22 6.63 -14.16
#